data_3OLO
#
_entry.id   3OLO
#
_cell.length_a   85.43
_cell.length_b   85.43
_cell.length_c   67.84
_cell.angle_alpha   90.0
_cell.angle_beta   90.0
_cell.angle_gamma   90.0
#
_symmetry.space_group_name_H-M   'P 41 21 2'
#
loop_
_entity.id
_entity.type
_entity.pdbx_description
1 polymer 'Two-component sensor histidine kinase'
2 non-polymer GLYCEROL
3 water water
#
_entity_poly.entity_id   1
_entity_poly.type   'polypeptide(L)'
_entity_poly.pdbx_seq_one_letter_code
;SNA(MSE)NIQSELEFKFAHYLINNAVEASFCLGDNWQFLYVNDATCR(MSE)TEYSREQLLS(MSE)NLQDIDVDFALH
DWEEIRQKNNYTFKTRYRSQSGRIFLVE(MSE)SLTFLEDQERRFSCVFVREKS
;
_entity_poly.pdbx_strand_id   A,B
#
# COMPACT_ATOMS: atom_id res chain seq x y z
N GLN A 7 -17.30 6.60 12.27
CA GLN A 7 -16.11 7.50 12.36
C GLN A 7 -14.87 6.84 11.76
N SER A 8 -13.80 7.63 11.62
CA SER A 8 -12.52 7.08 11.25
C SER A 8 -12.13 6.06 12.32
N GLU A 9 -12.52 6.38 13.55
CA GLU A 9 -12.29 5.50 14.69
C GLU A 9 -13.12 4.24 14.55
N LEU A 10 -14.37 4.40 14.09
CA LEU A 10 -15.26 3.27 13.86
C LEU A 10 -14.60 2.26 12.93
N GLU A 11 -14.09 2.77 11.80
CA GLU A 11 -13.38 1.95 10.84
C GLU A 11 -12.24 1.18 11.51
N PHE A 12 -11.32 1.90 12.12
CA PHE A 12 -10.14 1.29 12.70
C PHE A 12 -10.49 0.26 13.77
N LYS A 13 -11.58 0.49 14.49
CA LYS A 13 -12.00 -0.43 15.53
C LYS A 13 -12.32 -1.80 14.93
N PHE A 14 -12.84 -1.81 13.70
CA PHE A 14 -13.11 -3.07 13.02
C PHE A 14 -11.81 -3.83 12.80
N ALA A 15 -10.75 -3.12 12.42
CA ALA A 15 -9.46 -3.75 12.18
C ALA A 15 -8.91 -4.34 13.50
N HIS A 16 -9.23 -3.68 14.61
CA HIS A 16 -8.82 -4.12 15.93
C HIS A 16 -9.40 -5.50 16.21
N TYR A 17 -10.70 -5.63 16.00
CA TYR A 17 -11.39 -6.89 16.21
C TYR A 17 -10.88 -7.99 15.27
N LEU A 18 -10.69 -7.64 14.01
CA LEU A 18 -10.14 -8.59 13.03
C LEU A 18 -8.76 -9.10 13.41
N ILE A 19 -7.82 -8.20 13.69
CA ILE A 19 -6.44 -8.66 13.90
C ILE A 19 -6.33 -9.47 15.19
N ASN A 20 -7.22 -9.20 16.14
CA ASN A 20 -7.17 -9.93 17.39
C ASN A 20 -7.82 -11.29 17.28
N ASN A 21 -8.59 -11.49 16.23
CA ASN A 21 -9.14 -12.81 15.99
C ASN A 21 -8.28 -13.62 15.04
N ALA A 22 -7.31 -12.96 14.41
CA ALA A 22 -6.39 -13.67 13.53
C ALA A 22 -5.53 -14.64 14.33
N VAL A 23 -5.40 -15.85 13.80
CA VAL A 23 -4.57 -16.89 14.38
C VAL A 23 -3.09 -16.52 14.46
N GLU A 24 -2.59 -15.73 13.52
CA GLU A 24 -1.16 -15.47 13.47
C GLU A 24 -0.75 -14.34 14.42
N ALA A 25 0.37 -14.51 15.10
CA ALA A 25 0.91 -13.46 15.94
C ALA A 25 1.31 -12.27 15.07
N SER A 26 0.73 -11.12 15.39
CA SER A 26 0.96 -9.88 14.65
C SER A 26 1.19 -8.77 15.64
N PHE A 27 2.15 -7.88 15.37
CA PHE A 27 2.35 -6.75 16.28
C PHE A 27 3.09 -5.61 15.61
N CYS A 28 3.06 -4.44 16.24
CA CYS A 28 3.76 -3.27 15.73
C CYS A 28 4.86 -2.84 16.70
N LEU A 29 6.03 -2.52 16.14
CA LEU A 29 7.16 -1.99 16.89
C LEU A 29 7.42 -0.55 16.48
N GLY A 30 7.77 0.30 17.45
CA GLY A 30 8.19 1.65 17.16
C GLY A 30 9.65 1.70 16.72
N ASP A 31 10.17 2.89 16.52
CA ASP A 31 11.47 3.04 15.89
C ASP A 31 12.60 2.49 16.78
N ASN A 32 12.35 2.37 18.08
CA ASN A 32 13.33 1.76 18.99
C ASN A 32 12.95 0.34 19.38
N TRP A 33 12.09 -0.28 18.57
CA TRP A 33 11.70 -1.68 18.74
C TRP A 33 10.84 -1.92 19.99
N GLN A 34 10.31 -0.84 20.56
CA GLN A 34 9.29 -0.96 21.61
C GLN A 34 7.97 -1.44 21.00
N PHE A 35 7.28 -2.36 21.67
CA PHE A 35 5.94 -2.76 21.24
C PHE A 35 4.98 -1.57 21.34
N LEU A 36 4.13 -1.41 20.33
CA LEU A 36 3.15 -0.33 20.30
C LEU A 36 1.75 -0.92 20.28
N TYR A 37 1.63 -2.10 19.68
CA TYR A 37 0.36 -2.76 19.56
C TYR A 37 0.63 -4.25 19.39
N VAL A 38 -0.12 -5.09 20.09
CA VAL A 38 0.03 -6.53 19.96
C VAL A 38 -1.34 -7.15 19.86
N ASN A 39 -1.48 -8.19 19.03
CA ASN A 39 -2.74 -8.94 18.97
C ASN A 39 -2.75 -10.11 19.94
N ASP A 40 -3.92 -10.66 20.22
CA ASP A 40 -4.06 -11.75 21.18
C ASP A 40 -3.10 -12.90 20.91
N ALA A 41 -2.92 -13.29 19.64
CA ALA A 41 -2.03 -14.40 19.32
C ALA A 41 -0.58 -14.12 19.77
N THR A 42 -0.15 -12.86 19.69
CA THR A 42 1.17 -12.48 20.20
C THR A 42 1.28 -12.62 21.73
N CYS A 43 0.24 -12.24 22.46
CA CYS A 43 0.23 -12.45 23.91
C CYS A 43 0.33 -13.95 24.21
N ARG A 44 -0.44 -14.76 23.49
CA ARG A 44 -0.39 -16.20 23.71
C ARG A 44 1.00 -16.78 23.45
N THR A 46 4.08 -15.29 23.27
CA THR A 46 5.14 -14.79 24.13
C THR A 46 4.82 -15.05 25.61
N GLU A 47 3.55 -15.29 25.90
CA GLU A 47 3.04 -15.62 27.24
C GLU A 47 3.05 -14.43 28.18
N TYR A 48 3.18 -13.24 27.62
CA TYR A 48 3.04 -12.01 28.38
C TYR A 48 1.68 -11.41 28.16
N SER A 49 1.18 -10.70 29.16
CA SER A 49 -0.10 -10.04 29.04
C SER A 49 0.08 -8.84 28.14
N ARG A 50 -1.02 -8.31 27.63
CA ARG A 50 -0.95 -7.19 26.72
C ARG A 50 -0.33 -6.00 27.43
N GLU A 51 -0.72 -5.78 28.67
CA GLU A 51 -0.23 -4.63 29.41
C GLU A 51 1.28 -4.78 29.68
N GLN A 52 1.75 -6.01 29.83
CA GLN A 52 3.18 -6.23 30.01
C GLN A 52 3.93 -5.92 28.72
N LEU A 53 3.43 -6.45 27.60
CA LEU A 53 4.09 -6.26 26.31
C LEU A 53 4.16 -4.80 25.91
N LEU A 54 3.20 -4.00 26.34
CA LEU A 54 3.13 -2.60 25.87
C LEU A 54 4.06 -1.69 26.67
N SER A 55 4.85 -2.29 27.55
CA SER A 55 5.92 -1.55 28.21
C SER A 55 7.24 -2.25 27.95
N ASN A 57 10.23 -4.20 25.11
CA ASN A 57 10.97 -4.04 23.87
C ASN A 57 11.16 -5.41 23.23
N LEU A 58 11.30 -5.44 21.91
CA LEU A 58 11.63 -6.65 21.18
C LEU A 58 12.83 -7.36 21.80
N GLN A 59 13.76 -6.57 22.31
CA GLN A 59 14.98 -7.10 22.88
C GLN A 59 14.73 -7.93 24.15
N ASP A 60 13.55 -7.78 24.74
CA ASP A 60 13.19 -8.55 25.94
C ASP A 60 12.65 -9.94 25.59
N ILE A 61 12.32 -10.15 24.31
CA ILE A 61 11.74 -11.40 23.80
C ILE A 61 12.70 -12.08 22.82
N ASP A 62 13.26 -11.30 21.91
CA ASP A 62 14.12 -11.83 20.87
C ASP A 62 15.50 -12.12 21.46
N VAL A 63 15.73 -13.38 21.79
CA VAL A 63 16.99 -13.82 22.35
C VAL A 63 18.18 -13.41 21.49
N ASP A 64 18.00 -13.39 20.17
CA ASP A 64 19.11 -13.14 19.28
C ASP A 64 19.10 -11.74 18.70
N PHE A 65 18.43 -10.83 19.41
CA PHE A 65 18.20 -9.48 18.92
C PHE A 65 19.49 -8.77 18.49
N ALA A 66 20.54 -8.89 19.29
CA ALA A 66 21.79 -8.19 19.01
C ALA A 66 22.54 -8.83 17.85
N LEU A 67 22.10 -9.99 17.41
CA LEU A 67 22.74 -10.67 16.29
C LEU A 67 22.31 -10.11 14.93
N HIS A 68 21.12 -9.52 14.87
CA HIS A 68 20.57 -9.03 13.59
C HIS A 68 21.25 -7.75 13.15
N ASP A 69 21.48 -7.62 11.84
CA ASP A 69 22.04 -6.40 11.30
C ASP A 69 20.89 -5.45 11.04
N TRP A 70 20.39 -4.86 12.13
CA TRP A 70 19.19 -4.03 12.09
C TRP A 70 19.26 -2.93 11.06
N GLU A 71 20.40 -2.26 10.96
CA GLU A 71 20.55 -1.20 9.97
C GLU A 71 20.16 -1.71 8.60
N GLU A 72 20.80 -2.80 8.17
CA GLU A 72 20.47 -3.43 6.91
C GLU A 72 19.01 -3.87 6.84
N ILE A 73 18.47 -4.32 7.96
CA ILE A 73 17.06 -4.71 8.02
C ILE A 73 16.18 -3.54 7.59
N ARG A 74 16.39 -2.38 8.20
CA ARG A 74 15.58 -1.20 7.95
C ARG A 74 15.64 -0.80 6.48
N GLN A 75 16.84 -0.81 5.92
CA GLN A 75 17.01 -0.43 4.52
C GLN A 75 16.24 -1.35 3.59
N LYS A 76 16.14 -2.62 3.96
CA LYS A 76 15.39 -3.61 3.17
C LYS A 76 13.92 -3.20 3.09
N ASN A 77 13.36 -2.75 4.22
CA ASN A 77 11.99 -2.23 4.30
C ASN A 77 10.90 -3.32 4.27
N ASN A 78 11.19 -4.44 3.64
CA ASN A 78 10.37 -5.64 3.76
C ASN A 78 11.34 -6.81 3.84
N TYR A 79 11.21 -7.63 4.88
CA TYR A 79 12.20 -8.66 5.14
C TYR A 79 11.65 -9.76 6.05
N THR A 80 12.04 -11.01 5.80
CA THR A 80 11.59 -12.16 6.58
C THR A 80 12.83 -12.94 7.01
N PHE A 81 12.90 -13.33 8.29
CA PHE A 81 14.05 -14.10 8.79
C PHE A 81 13.73 -14.82 10.10
N LYS A 82 14.59 -15.75 10.49
CA LYS A 82 14.37 -16.56 11.70
C LYS A 82 15.09 -15.97 12.89
N THR A 83 14.47 -16.04 14.06
CA THR A 83 15.20 -15.82 15.28
C THR A 83 14.60 -16.72 16.37
N ARG A 84 15.16 -16.67 17.56
CA ARG A 84 14.61 -17.41 18.70
C ARG A 84 13.94 -16.42 19.64
N TYR A 85 12.75 -16.78 20.12
CA TYR A 85 12.07 -16.02 21.16
C TYR A 85 12.10 -16.74 22.49
N ARG A 86 12.14 -15.98 23.59
N ARG A 86 12.09 -15.97 23.57
CA ARG A 86 11.95 -16.54 24.91
CA ARG A 86 11.98 -16.48 24.93
C ARG A 86 10.64 -16.03 25.47
C ARG A 86 10.65 -16.01 25.51
N SER A 87 9.81 -16.95 25.92
CA SER A 87 8.49 -16.60 26.43
C SER A 87 8.59 -16.33 27.92
N GLN A 88 7.52 -15.80 28.49
CA GLN A 88 7.54 -15.47 29.90
C GLN A 88 7.83 -16.67 30.79
N SER A 89 7.34 -17.86 30.44
CA SER A 89 7.65 -19.03 31.26
C SER A 89 9.00 -19.66 30.92
N GLY A 90 9.79 -18.99 30.09
CA GLY A 90 11.13 -19.43 29.81
C GLY A 90 11.24 -20.41 28.65
N ARG A 91 10.21 -20.52 27.82
CA ARG A 91 10.32 -21.36 26.63
C ARG A 91 11.19 -20.64 25.63
N ILE A 92 12.12 -21.38 25.02
CA ILE A 92 12.91 -20.87 23.91
C ILE A 92 12.45 -21.59 22.65
N PHE A 93 12.04 -20.83 21.64
CA PHE A 93 11.55 -21.46 20.41
C PHE A 93 11.93 -20.64 19.17
N LEU A 94 12.11 -21.33 18.05
CA LEU A 94 12.41 -20.67 16.79
C LEU A 94 11.13 -20.10 16.18
N VAL A 95 11.23 -18.89 15.65
CA VAL A 95 10.14 -18.25 14.91
C VAL A 95 10.66 -17.66 13.59
N GLU A 96 9.72 -17.31 12.73
CA GLU A 96 10.02 -16.61 11.48
C GLU A 96 9.25 -15.30 11.51
N SER A 98 8.24 -11.67 9.78
CA SER A 98 8.14 -10.86 8.57
C SER A 98 7.87 -9.41 8.96
N LEU A 99 8.72 -8.51 8.51
CA LEU A 99 8.60 -7.11 8.87
C LEU A 99 8.28 -6.28 7.64
N THR A 100 7.41 -5.30 7.84
CA THR A 100 7.15 -4.24 6.88
C THR A 100 7.28 -2.92 7.62
N PHE A 101 8.11 -2.01 7.10
CA PHE A 101 8.23 -0.70 7.75
C PHE A 101 7.30 0.31 7.11
N LEU A 102 6.69 1.14 7.95
CA LEU A 102 5.68 2.08 7.51
C LEU A 102 5.89 3.40 8.21
N GLU A 103 5.38 4.48 7.62
CA GLU A 103 5.38 5.77 8.26
C GLU A 103 3.96 6.30 8.31
N ASP A 104 3.54 6.69 9.50
CA ASP A 104 2.28 7.40 9.68
C ASP A 104 2.55 8.71 10.39
N GLN A 105 2.38 9.81 9.66
CA GLN A 105 2.73 11.12 10.18
C GLN A 105 4.20 11.09 10.61
N GLU A 106 4.49 11.44 11.85
CA GLU A 106 5.89 11.53 12.29
C GLU A 106 6.37 10.25 12.99
N ARG A 107 5.66 9.15 12.76
CA ARG A 107 6.02 7.88 13.38
C ARG A 107 6.44 6.88 12.33
N ARG A 108 7.67 6.38 12.42
CA ARG A 108 8.06 5.21 11.65
C ARG A 108 7.89 4.01 12.57
N PHE A 109 7.32 2.94 12.04
CA PHE A 109 7.10 1.74 12.84
C PHE A 109 7.07 0.56 11.91
N SER A 110 7.07 -0.64 12.46
CA SER A 110 7.00 -1.81 11.61
C SER A 110 5.83 -2.67 12.01
N CYS A 111 5.22 -3.28 10.99
CA CYS A 111 4.26 -4.35 11.18
C CYS A 111 5.04 -5.64 11.12
N VAL A 112 4.77 -6.51 12.07
CA VAL A 112 5.51 -7.75 12.19
C VAL A 112 4.52 -8.90 12.25
N PHE A 113 4.72 -9.89 11.40
CA PHE A 113 3.99 -11.15 11.50
C PHE A 113 4.96 -12.28 11.88
N VAL A 114 4.56 -13.09 12.85
CA VAL A 114 5.46 -14.09 13.41
C VAL A 114 4.84 -15.49 13.38
N ARG A 115 5.53 -16.41 12.73
CA ARG A 115 5.10 -17.79 12.66
C ARG A 115 5.98 -18.60 13.58
N GLU A 116 5.37 -19.41 14.43
CA GLU A 116 6.14 -20.29 15.28
C GLU A 116 6.66 -21.43 14.42
N LYS A 117 7.98 -21.49 14.26
CA LYS A 117 8.61 -22.59 13.56
C LYS A 117 9.09 -23.66 14.54
N SER B 8 -18.32 -13.67 -20.63
CA SER B 8 -17.52 -12.67 -19.88
C SER B 8 -16.74 -11.79 -20.84
N GLU B 9 -16.14 -12.42 -21.84
CA GLU B 9 -15.46 -11.68 -22.89
C GLU B 9 -16.50 -10.83 -23.62
N LEU B 10 -17.68 -11.40 -23.83
CA LEU B 10 -18.78 -10.68 -24.48
C LEU B 10 -19.28 -9.52 -23.64
N GLU B 11 -19.56 -9.76 -22.36
CA GLU B 11 -20.14 -8.69 -21.56
C GLU B 11 -19.18 -7.52 -21.41
N PHE B 12 -17.89 -7.78 -21.29
CA PHE B 12 -16.92 -6.68 -21.17
C PHE B 12 -16.97 -5.79 -22.41
N LYS B 13 -17.32 -6.37 -23.55
CA LYS B 13 -17.43 -5.59 -24.77
C LYS B 13 -18.43 -4.45 -24.57
N PHE B 14 -19.56 -4.74 -23.95
CA PHE B 14 -20.56 -3.70 -23.72
C PHE B 14 -20.02 -2.57 -22.83
N ALA B 15 -19.22 -2.92 -21.85
CA ALA B 15 -18.58 -1.90 -20.99
C ALA B 15 -17.70 -0.96 -21.80
N HIS B 16 -16.94 -1.53 -22.73
CA HIS B 16 -16.13 -0.76 -23.65
C HIS B 16 -17.00 0.22 -24.47
N TYR B 17 -18.12 -0.25 -25.00
CA TYR B 17 -19.03 0.66 -25.72
C TYR B 17 -19.50 1.78 -24.80
N LEU B 18 -19.91 1.42 -23.58
CA LEU B 18 -20.44 2.41 -22.66
C LEU B 18 -19.39 3.44 -22.33
N ILE B 19 -18.17 3.00 -22.02
CA ILE B 19 -17.19 3.94 -21.50
C ILE B 19 -16.73 4.87 -22.63
N ASN B 20 -16.79 4.37 -23.87
CA ASN B 20 -16.34 5.18 -25.01
C ASN B 20 -17.42 6.10 -25.53
N ASN B 21 -18.64 5.83 -25.15
CA ASN B 21 -19.71 6.77 -25.40
C ASN B 21 -19.88 7.76 -24.24
N ALA B 22 -19.17 7.54 -23.14
CA ALA B 22 -19.20 8.50 -22.03
C ALA B 22 -18.41 9.75 -22.39
N VAL B 23 -18.89 10.90 -21.93
CA VAL B 23 -18.25 12.16 -22.24
C VAL B 23 -16.95 12.40 -21.45
N GLU B 24 -16.90 11.92 -20.21
CA GLU B 24 -15.76 12.18 -19.33
C GLU B 24 -14.56 11.30 -19.69
N ALA B 25 -13.38 11.91 -19.69
CA ALA B 25 -12.14 11.20 -19.96
C ALA B 25 -11.90 10.17 -18.85
N SER B 26 -11.72 8.93 -19.25
CA SER B 26 -11.55 7.82 -18.33
C SER B 26 -10.40 6.96 -18.80
N PHE B 27 -9.54 6.54 -17.88
CA PHE B 27 -8.49 5.61 -18.26
C PHE B 27 -7.95 4.82 -17.09
N CYS B 28 -7.18 3.79 -17.38
CA CYS B 28 -6.59 2.95 -16.35
C CYS B 28 -5.08 3.01 -16.44
N LEU B 29 -4.42 3.12 -15.29
CA LEU B 29 -2.97 3.16 -15.21
C LEU B 29 -2.47 1.93 -14.48
N GLY B 30 -1.29 1.45 -14.86
CA GLY B 30 -0.73 0.27 -14.22
C GLY B 30 0.07 0.70 -13.01
N ASP B 31 0.74 -0.26 -12.38
CA ASP B 31 1.54 0.00 -11.18
C ASP B 31 2.74 0.89 -11.47
N ASN B 32 3.09 1.04 -12.74
CA ASN B 32 4.14 1.98 -13.13
C ASN B 32 3.60 3.26 -13.79
N TRP B 33 2.29 3.48 -13.68
CA TRP B 33 1.62 4.66 -14.25
C TRP B 33 1.61 4.61 -15.78
N GLN B 34 1.82 3.42 -16.33
CA GLN B 34 1.67 3.20 -17.76
C GLN B 34 0.17 3.15 -18.09
N PHE B 35 -0.25 3.72 -19.21
CA PHE B 35 -1.64 3.59 -19.64
C PHE B 35 -1.95 2.15 -20.04
N LEU B 36 -3.03 1.60 -19.48
CA LEU B 36 -3.46 0.25 -19.83
C LEU B 36 -4.71 0.30 -20.70
N TYR B 37 -5.49 1.36 -20.57
CA TYR B 37 -6.75 1.46 -21.30
C TYR B 37 -7.13 2.92 -21.34
N VAL B 38 -7.61 3.42 -22.47
CA VAL B 38 -8.06 4.81 -22.54
C VAL B 38 -9.35 4.90 -23.34
N ASN B 39 -10.29 5.73 -22.89
CA ASN B 39 -11.50 5.93 -23.67
C ASN B 39 -11.33 7.08 -24.68
N ASP B 40 -12.27 7.23 -25.60
CA ASP B 40 -12.10 8.19 -26.69
C ASP B 40 -11.98 9.64 -26.19
N ALA B 41 -12.70 9.97 -25.12
CA ALA B 41 -12.61 11.31 -24.52
C ALA B 41 -11.18 11.60 -24.03
N THR B 42 -10.51 10.57 -23.52
CA THR B 42 -9.12 10.74 -23.11
C THR B 42 -8.26 11.04 -24.34
N CYS B 43 -8.40 10.24 -25.38
CA CYS B 43 -7.70 10.49 -26.65
C CYS B 43 -7.93 11.91 -27.15
N ARG B 44 -9.18 12.38 -27.16
CA ARG B 44 -9.52 13.73 -27.63
C ARG B 44 -8.91 14.82 -26.76
N THR B 46 -6.24 14.61 -24.72
CA THR B 46 -4.78 14.63 -24.76
C THR B 46 -4.24 14.78 -26.19
N GLU B 47 -5.11 14.60 -27.17
CA GLU B 47 -4.75 14.62 -28.60
C GLU B 47 -3.72 13.57 -29.00
N TYR B 48 -3.60 12.50 -28.22
CA TYR B 48 -2.84 11.34 -28.65
C TYR B 48 -3.82 10.26 -29.05
N SER B 49 -3.43 9.39 -29.97
CA SER B 49 -4.30 8.28 -30.36
C SER B 49 -4.28 7.21 -29.25
N ARG B 50 -5.23 6.29 -29.28
CA ARG B 50 -5.22 5.20 -28.33
C ARG B 50 -3.92 4.42 -28.45
N GLU B 51 -3.52 4.13 -29.68
CA GLU B 51 -2.33 3.32 -29.93
C GLU B 51 -1.10 3.99 -29.35
N GLN B 52 -1.01 5.31 -29.44
CA GLN B 52 0.10 6.03 -28.80
C GLN B 52 0.05 5.95 -27.26
N LEU B 53 -1.08 6.34 -26.68
CA LEU B 53 -1.24 6.35 -25.24
C LEU B 53 -0.89 4.99 -24.64
N LEU B 54 -1.28 3.92 -25.32
CA LEU B 54 -1.10 2.59 -24.77
C LEU B 54 0.35 2.13 -24.86
N SER B 55 1.23 3.00 -25.38
CA SER B 55 2.67 2.76 -25.26
C SER B 55 3.31 3.83 -24.38
N ASN B 57 3.20 6.70 -20.75
CA ASN B 57 3.19 6.76 -19.30
C ASN B 57 2.55 8.05 -18.83
N LEU B 58 2.02 8.05 -17.61
CA LEU B 58 1.35 9.23 -17.09
C LEU B 58 2.32 10.42 -17.08
N GLN B 59 3.60 10.19 -16.82
CA GLN B 59 4.55 11.31 -16.79
C GLN B 59 4.82 11.92 -18.18
N ASP B 60 4.46 11.20 -19.24
CA ASP B 60 4.53 11.78 -20.59
C ASP B 60 3.49 12.88 -20.79
N ILE B 61 2.50 12.92 -19.91
CA ILE B 61 1.35 13.83 -20.07
C ILE B 61 1.27 14.83 -18.94
N ASP B 62 1.39 14.34 -17.71
CA ASP B 62 1.28 15.17 -16.52
C ASP B 62 2.56 15.96 -16.30
N VAL B 63 2.52 17.22 -16.72
CA VAL B 63 3.66 18.12 -16.61
C VAL B 63 4.25 18.25 -15.19
N ASP B 64 3.41 18.10 -14.19
CA ASP B 64 3.83 18.25 -12.80
C ASP B 64 3.95 16.92 -12.07
N PHE B 65 4.14 15.84 -12.83
CA PHE B 65 4.27 14.51 -12.26
C PHE B 65 5.21 14.50 -11.08
N ALA B 66 6.39 15.08 -11.27
CA ALA B 66 7.48 14.98 -10.29
C ALA B 66 7.26 15.80 -9.02
N LEU B 67 6.23 16.63 -9.00
CA LEU B 67 5.91 17.41 -7.79
C LEU B 67 5.02 16.63 -6.84
N HIS B 68 4.56 15.47 -7.27
CA HIS B 68 3.66 14.68 -6.45
C HIS B 68 4.39 13.47 -5.89
N ASP B 69 4.01 13.06 -4.69
CA ASP B 69 4.61 11.88 -4.07
C ASP B 69 3.76 10.67 -4.42
N TRP B 70 4.11 10.02 -5.52
CA TRP B 70 3.33 8.90 -6.04
C TRP B 70 3.42 7.67 -5.17
N GLU B 71 4.47 7.59 -4.35
CA GLU B 71 4.61 6.50 -3.39
C GLU B 71 3.54 6.59 -2.32
N GLU B 72 3.13 7.82 -1.97
CA GLU B 72 2.10 8.00 -0.97
C GLU B 72 0.71 7.96 -1.60
N ILE B 73 0.56 8.62 -2.73
CA ILE B 73 -0.71 8.60 -3.46
C ILE B 73 -1.12 7.15 -3.72
N ARG B 74 -0.15 6.36 -4.16
CA ARG B 74 -0.33 4.94 -4.47
C ARG B 74 -0.97 4.13 -3.33
N GLN B 75 -0.68 4.50 -2.08
CA GLN B 75 -1.20 3.76 -0.94
C GLN B 75 -2.62 4.21 -0.49
N LYS B 76 -3.20 5.16 -1.21
CA LYS B 76 -4.53 5.66 -0.87
C LYS B 76 -5.61 4.79 -1.49
N ASN B 77 -6.83 4.91 -0.98
CA ASN B 77 -7.99 4.31 -1.64
C ASN B 77 -8.40 5.13 -2.86
N ASN B 78 -8.62 6.42 -2.64
CA ASN B 78 -8.98 7.36 -3.68
C ASN B 78 -8.15 8.62 -3.50
N TYR B 79 -7.98 9.38 -4.58
CA TYR B 79 -7.30 10.67 -4.46
C TYR B 79 -7.66 11.58 -5.61
N THR B 80 -8.05 12.80 -5.28
CA THR B 80 -8.44 13.76 -6.29
C THR B 80 -7.57 14.99 -6.11
N PHE B 81 -6.95 15.47 -7.19
CA PHE B 81 -6.16 16.69 -7.13
C PHE B 81 -6.09 17.29 -8.52
N LYS B 82 -5.68 18.55 -8.58
CA LYS B 82 -5.48 19.25 -9.84
C LYS B 82 -4.03 19.21 -10.26
N THR B 83 -3.80 19.01 -11.55
CA THR B 83 -2.46 19.05 -12.08
C THR B 83 -2.53 19.62 -13.50
N ARG B 84 -1.40 19.72 -14.19
CA ARG B 84 -1.40 20.21 -15.56
C ARG B 84 -1.07 19.12 -16.56
N TYR B 85 -1.89 18.99 -17.59
CA TYR B 85 -1.63 18.03 -18.68
C TYR B 85 -1.09 18.73 -19.91
N ARG B 86 -0.27 18.01 -20.67
CA ARG B 86 0.29 18.51 -21.92
C ARG B 86 -0.21 17.62 -23.05
N SER B 87 -1.01 18.19 -23.94
CA SER B 87 -1.55 17.46 -25.09
C SER B 87 -0.46 17.24 -26.13
N GLN B 88 -0.73 16.42 -27.15
CA GLN B 88 0.32 16.12 -28.12
C GLN B 88 0.82 17.34 -28.90
N SER B 89 -0.03 18.36 -29.03
CA SER B 89 0.34 19.58 -29.73
C SER B 89 1.14 20.53 -28.83
N GLY B 90 1.33 20.16 -27.57
CA GLY B 90 2.13 20.95 -26.65
C GLY B 90 1.31 21.89 -25.79
N ARG B 91 0.00 21.91 -25.98
CA ARG B 91 -0.82 22.78 -25.15
C ARG B 91 -0.88 22.21 -23.75
N ILE B 92 -0.78 23.09 -22.75
CA ILE B 92 -0.77 22.69 -21.34
C ILE B 92 -2.01 23.28 -20.68
N PHE B 93 -2.73 22.47 -19.90
CA PHE B 93 -4.01 22.92 -19.36
C PHE B 93 -4.31 22.23 -18.04
N LEU B 94 -5.16 22.86 -17.25
CA LEU B 94 -5.41 22.38 -15.91
C LEU B 94 -6.50 21.34 -15.94
N VAL B 95 -6.28 20.24 -15.22
CA VAL B 95 -7.30 19.21 -15.08
C VAL B 95 -7.45 18.89 -13.62
N GLU B 96 -8.52 18.18 -13.30
CA GLU B 96 -8.66 17.59 -11.98
C GLU B 96 -8.75 16.11 -12.23
N SER B 98 -9.07 12.17 -10.65
CA SER B 98 -9.50 11.35 -9.51
C SER B 98 -9.11 9.91 -9.80
N LEU B 99 -8.26 9.36 -8.96
CA LEU B 99 -7.81 7.98 -9.09
C LEU B 99 -8.49 7.12 -8.05
N THR B 100 -8.97 5.95 -8.48
CA THR B 100 -9.38 4.91 -7.55
C THR B 100 -8.42 3.75 -7.73
N PHE B 101 -7.83 3.29 -6.64
CA PHE B 101 -6.83 2.23 -6.73
C PHE B 101 -7.46 0.87 -6.52
N LEU B 102 -7.06 -0.08 -7.34
CA LEU B 102 -7.63 -1.41 -7.32
C LEU B 102 -6.53 -2.43 -7.44
N GLU B 103 -6.87 -3.66 -7.09
CA GLU B 103 -6.02 -4.78 -7.38
C GLU B 103 -6.96 -5.92 -7.75
N ASP B 104 -6.74 -6.56 -8.89
CA ASP B 104 -7.44 -7.80 -9.15
C ASP B 104 -6.47 -8.96 -9.03
N GLN B 105 -6.89 -10.16 -9.37
CA GLN B 105 -6.09 -11.32 -9.08
C GLN B 105 -4.89 -11.44 -10.00
N GLU B 106 -4.69 -10.43 -10.84
CA GLU B 106 -3.56 -10.45 -11.76
C GLU B 106 -2.90 -9.10 -12.02
N ARG B 107 -3.30 -8.07 -11.28
N ARG B 107 -3.30 -8.07 -11.28
CA ARG B 107 -2.72 -6.76 -11.54
CA ARG B 107 -2.84 -6.72 -11.59
C ARG B 107 -3.07 -5.72 -10.47
C ARG B 107 -3.09 -5.72 -10.46
N ARG B 108 -2.13 -4.82 -10.25
CA ARG B 108 -2.35 -3.65 -9.39
C ARG B 108 -2.45 -2.47 -10.35
N PHE B 109 -3.53 -1.69 -10.23
CA PHE B 109 -3.79 -0.62 -11.19
C PHE B 109 -4.75 0.40 -10.61
N SER B 110 -5.11 1.41 -11.39
CA SER B 110 -6.01 2.45 -10.89
C SER B 110 -6.97 2.86 -11.99
N CYS B 111 -8.20 3.18 -11.60
CA CYS B 111 -9.19 3.77 -12.50
C CYS B 111 -9.14 5.28 -12.35
N VAL B 112 -9.02 6.02 -13.44
CA VAL B 112 -8.84 7.46 -13.36
C VAL B 112 -9.92 8.17 -14.17
N PHE B 113 -10.51 9.20 -13.58
CA PHE B 113 -11.52 10.00 -14.27
C PHE B 113 -11.01 11.42 -14.25
N VAL B 114 -10.94 12.05 -15.42
CA VAL B 114 -10.35 13.38 -15.49
C VAL B 114 -11.32 14.35 -16.14
N ARG B 115 -11.36 15.57 -15.63
CA ARG B 115 -12.05 16.63 -16.33
C ARG B 115 -11.24 17.90 -16.36
N GLU B 116 -11.28 18.55 -17.52
CA GLU B 116 -10.58 19.81 -17.74
C GLU B 116 -11.20 20.94 -16.93
N LYS B 117 -10.33 21.80 -16.39
CA LYS B 117 -10.73 22.88 -15.51
C LYS B 117 -10.36 24.24 -16.11
#